data_5KMB
#
_entry.id   5KMB
#
_cell.length_a   77.832
_cell.length_b   46.318
_cell.length_c   64.077
_cell.angle_alpha   90.000
_cell.angle_beta   94.470
_cell.angle_gamma   90.000
#
_symmetry.space_group_name_H-M   'C 1 2 1'
#
loop_
_entity.id
_entity.type
_entity.pdbx_description
1 polymer 'Histidine triad nucleotide-binding protein 1'
2 non-polymer '[(2~{R},3~{S},4~{R},5~{R})-5-(2-azanyl-6-oxidanylidene-1~{H}-purin-9-yl)-3,4-bis(oxidanyl)oxolan-2-yl]methoxy-~{N}-[(2~ {S})-3-(1~{H}-indol-3-yl)-1-(methylamino)-1-oxidanylidene-propan-2-yl]phosphonamidic acid'
3 non-polymer 'CHLORIDE ION'
4 water water
#
_entity_poly.entity_id   1
_entity_poly.type   'polypeptide(L)'
_entity_poly.pdbx_seq_one_letter_code
;SNAMADEIAKAQVARPGGDTIFGKIIRKEIPAKIIFEDDRCLAFHDISPQAPTHFLVIPKKHISQISVAEDDDESLLGHL
MIVGKKCAADLGLNKGYRMVVNEGSDGGQSVYHVNLHVLGGRQMHWPPG
;
_entity_poly.pdbx_strand_id   A,B
#
loop_
_chem_comp.id
_chem_comp.type
_chem_comp.name
_chem_comp.formula
6UT non-polymer '[(2~{R},3~{S},4~{R},5~{R})-5-(2-azanyl-6-oxidanylidene-1~{H}-purin-9-yl)-3,4-bis(oxidanyl)oxolan-2-yl]methoxy-~{N}-[(2~ {S})-3-(1~{H}-indol-3-yl)-1-(methylamino)-1-oxidanylidene-propan-2-yl]phosphonamidic acid' 'C22 H27 N8 O8 P'
CL non-polymer 'CHLORIDE ION' 'Cl -1'
#
# COMPACT_ATOMS: atom_id res chain seq x y z
N ARG A 15 -6.05 26.65 -1.51
CA ARG A 15 -6.85 26.03 -0.46
C ARG A 15 -6.18 24.77 0.06
N PRO A 16 -6.21 24.55 1.38
CA PRO A 16 -5.54 23.38 1.97
C PRO A 16 -6.16 22.08 1.50
N GLY A 17 -5.31 21.19 0.97
CA GLY A 17 -5.78 19.92 0.44
C GLY A 17 -5.76 19.84 -1.07
N GLY A 18 -5.65 20.99 -1.74
CA GLY A 18 -5.70 21.05 -3.20
C GLY A 18 -7.12 21.08 -3.75
N ASP A 19 -7.26 21.17 -5.07
CA ASP A 19 -8.60 21.22 -5.65
C ASP A 19 -8.95 19.96 -6.45
N THR A 20 -8.20 18.87 -6.26
CA THR A 20 -8.70 17.58 -6.74
C THR A 20 -9.97 17.27 -5.98
N ILE A 21 -10.72 16.29 -6.45
CA ILE A 21 -11.93 15.84 -5.78
C ILE A 21 -11.66 15.52 -4.31
N PHE A 22 -10.46 15.02 -4.01
CA PHE A 22 -10.14 14.64 -2.64
C PHE A 22 -9.93 15.87 -1.76
N GLY A 23 -9.35 16.92 -2.34
CA GLY A 23 -9.23 18.19 -1.64
C GLY A 23 -10.59 18.76 -1.27
N LYS A 24 -11.54 18.67 -2.20
CA LYS A 24 -12.91 19.11 -1.97
C LYS A 24 -13.56 18.29 -0.85
N ILE A 25 -13.33 16.99 -0.86
CA ILE A 25 -13.88 16.12 0.18
C ILE A 25 -13.27 16.45 1.55
N ILE A 26 -11.95 16.67 1.60
CA ILE A 26 -11.29 17.04 2.86
C ILE A 26 -11.92 18.31 3.47
N ARG A 27 -12.24 19.29 2.62
CA ARG A 27 -12.81 20.55 3.10
C ARG A 27 -14.34 20.56 3.19
N LYS A 28 -14.94 19.38 3.06
CA LYS A 28 -16.41 19.20 3.16
C LYS A 28 -17.19 19.97 2.10
N GLU A 29 -16.56 20.21 0.95
CA GLU A 29 -17.21 20.96 -0.13
C GLU A 29 -17.97 20.00 -1.04
N ILE A 30 -17.57 18.74 -0.98
CA ILE A 30 -18.23 17.65 -1.71
C ILE A 30 -18.48 16.54 -0.70
N PRO A 31 -19.71 15.98 -0.67
CA PRO A 31 -20.00 14.99 0.36
C PRO A 31 -19.31 13.66 0.12
N ALA A 32 -19.01 12.97 1.23
CA ALA A 32 -18.47 11.62 1.18
C ALA A 32 -18.96 10.87 2.40
N LYS A 33 -18.84 9.55 2.37
CA LYS A 33 -19.22 8.72 3.51
C LYS A 33 -17.97 8.44 4.32
N ILE A 34 -17.77 9.23 5.37
CA ILE A 34 -16.51 9.23 6.10
C ILE A 34 -16.51 8.17 7.19
N ILE A 35 -15.39 7.45 7.29
CA ILE A 35 -15.23 6.39 8.27
C ILE A 35 -14.43 6.87 9.48
N PHE A 36 -13.39 7.62 9.20
CA PHE A 36 -12.50 8.10 10.24
C PHE A 36 -11.81 9.37 9.79
N GLU A 37 -11.56 10.27 10.73
CA GLU A 37 -10.86 11.50 10.41
C GLU A 37 -9.95 11.90 11.57
N ASP A 38 -8.71 12.26 11.25
CA ASP A 38 -7.87 12.95 12.24
C ASP A 38 -7.14 14.10 11.58
N ASP A 39 -6.15 14.65 12.26
CA ASP A 39 -5.47 15.83 11.75
C ASP A 39 -4.61 15.55 10.52
N ARG A 40 -4.26 14.28 10.30
CA ARG A 40 -3.33 13.91 9.24
CA ARG A 40 -3.32 13.90 9.25
C ARG A 40 -4.00 13.23 8.06
N CYS A 41 -5.18 12.67 8.28
CA CYS A 41 -5.79 11.88 7.21
C CYS A 41 -7.29 11.73 7.33
N LEU A 42 -7.85 11.12 6.30
CA LEU A 42 -9.27 10.94 6.16
C LEU A 42 -9.51 9.58 5.52
N ALA A 43 -10.43 8.80 6.08
CA ALA A 43 -10.84 7.54 5.47
C ALA A 43 -12.31 7.60 5.08
N PHE A 44 -12.63 7.21 3.84
CA PHE A 44 -14.01 7.33 3.36
C PHE A 44 -14.27 6.28 2.30
N HIS A 45 -15.53 5.93 2.08
CA HIS A 45 -15.85 4.85 1.16
C HIS A 45 -15.67 5.26 -0.30
N ASP A 46 -15.21 4.32 -1.12
CA ASP A 46 -15.06 4.57 -2.56
C ASP A 46 -16.44 4.59 -3.26
N ILE A 47 -16.62 5.54 -4.17
CA ILE A 47 -17.90 5.71 -4.85
C ILE A 47 -18.14 4.63 -5.91
N SER A 48 -17.06 3.95 -6.32
N SER A 48 -17.07 3.95 -6.31
CA SER A 48 -17.19 2.86 -7.28
CA SER A 48 -17.15 2.85 -7.29
C SER A 48 -16.50 1.62 -6.73
C SER A 48 -16.48 1.62 -6.71
N PRO A 49 -17.10 1.00 -5.70
CA PRO A 49 -16.44 -0.10 -4.99
C PRO A 49 -16.18 -1.32 -5.86
N GLN A 50 -15.02 -1.94 -5.65
CA GLN A 50 -14.61 -3.13 -6.41
C GLN A 50 -14.67 -4.37 -5.53
N ALA A 51 -15.18 -4.20 -4.32
CA ALA A 51 -15.31 -5.30 -3.39
C ALA A 51 -16.44 -4.90 -2.45
N PRO A 52 -16.99 -5.88 -1.71
CA PRO A 52 -18.10 -5.55 -0.81
C PRO A 52 -17.78 -4.42 0.16
N THR A 53 -16.54 -4.35 0.64
CA THR A 53 -16.05 -3.17 1.35
C THR A 53 -14.86 -2.60 0.56
N HIS A 54 -14.92 -1.30 0.25
CA HIS A 54 -13.86 -0.66 -0.51
C HIS A 54 -13.78 0.78 -0.06
N PHE A 55 -12.73 1.13 0.68
CA PHE A 55 -12.58 2.51 1.10
C PHE A 55 -11.18 3.04 0.81
N LEU A 56 -11.02 4.34 1.02
CA LEU A 56 -9.81 5.08 0.70
C LEU A 56 -9.30 5.74 1.95
N VAL A 57 -7.98 5.78 2.11
CA VAL A 57 -7.37 6.59 3.15
C VAL A 57 -6.44 7.59 2.46
N ILE A 58 -6.65 8.88 2.74
CA ILE A 58 -5.86 9.90 2.08
C ILE A 58 -5.24 10.84 3.11
N PRO A 59 -4.08 11.40 2.79
CA PRO A 59 -3.52 12.43 3.67
C PRO A 59 -4.27 13.72 3.50
N LYS A 60 -4.33 14.54 4.54
CA LYS A 60 -4.91 15.87 4.39
C LYS A 60 -3.92 16.80 3.69
N LYS A 61 -2.63 16.56 3.91
CA LYS A 61 -1.57 17.22 3.15
C LYS A 61 -1.61 16.76 1.70
N HIS A 62 -1.66 17.70 0.76
CA HIS A 62 -1.70 17.31 -0.63
C HIS A 62 -0.33 16.82 -1.12
N ILE A 63 -0.29 15.56 -1.52
CA ILE A 63 0.85 14.95 -2.22
C ILE A 63 0.25 14.37 -3.49
N SER A 64 0.78 14.71 -4.65
CA SER A 64 0.09 14.34 -5.88
C SER A 64 0.15 12.84 -6.18
N GLN A 65 1.26 12.19 -5.85
CA GLN A 65 1.43 10.78 -6.16
C GLN A 65 2.61 10.26 -5.37
N ILE A 66 2.68 8.95 -5.16
CA ILE A 66 3.68 8.40 -4.28
C ILE A 66 5.10 8.65 -4.84
N SER A 67 5.22 8.75 -6.17
CA SER A 67 6.54 8.90 -6.77
C SER A 67 7.20 10.24 -6.43
N VAL A 68 6.42 11.22 -5.97
CA VAL A 68 7.00 12.50 -5.56
C VAL A 68 6.94 12.74 -4.05
N ALA A 69 6.60 11.72 -3.26
CA ALA A 69 6.59 11.86 -1.81
C ALA A 69 8.00 12.14 -1.30
N GLU A 70 8.09 13.04 -0.31
CA GLU A 70 9.40 13.39 0.24
C GLU A 70 9.81 12.44 1.36
N ASP A 71 11.10 12.39 1.67
CA ASP A 71 11.59 11.52 2.73
C ASP A 71 10.88 11.76 4.06
N ASP A 72 10.54 13.02 4.36
CA ASP A 72 9.92 13.32 5.64
C ASP A 72 8.42 13.03 5.63
N ASP A 73 7.92 12.49 4.52
CA ASP A 73 6.53 12.03 4.45
C ASP A 73 6.39 10.59 4.95
N GLU A 74 7.48 9.98 5.41
CA GLU A 74 7.46 8.58 5.87
C GLU A 74 6.40 8.29 6.92
N SER A 75 6.40 9.04 8.02
CA SER A 75 5.47 8.76 9.10
C SER A 75 4.03 8.92 8.64
N LEU A 76 3.78 9.92 7.78
CA LEU A 76 2.44 10.17 7.26
C LEU A 76 1.95 9.00 6.40
N LEU A 77 2.83 8.51 5.53
CA LEU A 77 2.47 7.38 4.69
C LEU A 77 2.20 6.14 5.53
N GLY A 78 3.03 5.91 6.54
CA GLY A 78 2.81 4.80 7.46
C GLY A 78 1.51 4.98 8.23
N HIS A 79 1.18 6.22 8.56
CA HIS A 79 -0.06 6.50 9.27
C HIS A 79 -1.27 6.11 8.43
N LEU A 80 -1.18 6.31 7.11
CA LEU A 80 -2.27 5.91 6.23
C LEU A 80 -2.54 4.41 6.36
N MET A 81 -1.47 3.62 6.47
CA MET A 81 -1.60 2.18 6.53
C MET A 81 -2.15 1.73 7.88
N ILE A 82 -1.69 2.39 8.95
CA ILE A 82 -2.17 2.07 10.30
C ILE A 82 -3.65 2.41 10.42
N VAL A 83 -4.03 3.56 9.90
CA VAL A 83 -5.43 3.95 9.91
C VAL A 83 -6.26 2.98 9.05
N GLY A 84 -5.72 2.61 7.90
CA GLY A 84 -6.34 1.63 7.03
C GLY A 84 -6.62 0.31 7.74
N LYS A 85 -5.65 -0.22 8.47
CA LYS A 85 -5.85 -1.52 9.09
C LYS A 85 -6.80 -1.37 10.30
N LYS A 86 -6.74 -0.24 10.99
CA LYS A 86 -7.66 -0.03 12.10
C LYS A 86 -9.11 0.10 11.60
N CYS A 87 -9.31 0.85 10.52
CA CYS A 87 -10.63 0.96 9.93
C CYS A 87 -11.16 -0.38 9.44
N ALA A 88 -10.28 -1.19 8.84
CA ALA A 88 -10.70 -2.50 8.34
C ALA A 88 -11.21 -3.36 9.48
N ALA A 89 -10.51 -3.31 10.61
CA ALA A 89 -10.94 -4.05 11.78
C ALA A 89 -12.30 -3.53 12.28
N ASP A 90 -12.45 -2.22 12.32
CA ASP A 90 -13.69 -1.59 12.78
C ASP A 90 -14.86 -1.92 11.86
N LEU A 91 -14.57 -2.16 10.60
CA LEU A 91 -15.60 -2.51 9.61
C LEU A 91 -15.84 -4.02 9.53
N GLY A 92 -15.16 -4.78 10.39
CA GLY A 92 -15.44 -6.20 10.47
C GLY A 92 -14.80 -7.06 9.38
N LEU A 93 -13.70 -6.58 8.80
CA LEU A 93 -13.01 -7.34 7.76
C LEU A 93 -12.07 -8.37 8.39
N ASN A 94 -12.66 -9.28 9.16
CA ASN A 94 -11.88 -10.25 9.94
C ASN A 94 -11.21 -11.35 9.12
N LYS A 95 -11.66 -11.56 7.88
CA LYS A 95 -11.06 -12.58 7.02
C LYS A 95 -9.90 -12.04 6.19
N GLY A 96 -9.67 -10.73 6.29
CA GLY A 96 -8.57 -10.11 5.58
C GLY A 96 -9.00 -9.07 4.57
N TYR A 97 -8.01 -8.54 3.87
CA TYR A 97 -8.22 -7.41 2.94
C TYR A 97 -6.94 -7.14 2.16
N ARG A 98 -7.05 -6.28 1.16
CA ARG A 98 -5.92 -5.87 0.35
C ARG A 98 -5.81 -4.35 0.34
N MET A 99 -4.57 -3.88 0.51
CA MET A 99 -4.27 -2.46 0.40
C MET A 99 -3.56 -2.19 -0.91
N VAL A 100 -3.92 -1.12 -1.58
CA VAL A 100 -3.39 -0.84 -2.92
C VAL A 100 -3.07 0.65 -3.06
N VAL A 101 -1.90 0.96 -3.61
CA VAL A 101 -1.63 2.31 -4.08
C VAL A 101 -1.33 2.29 -5.56
N ASN A 102 -2.06 3.11 -6.34
CA ASN A 102 -1.84 3.21 -7.77
C ASN A 102 -0.98 4.41 -8.09
N GLU A 103 0.11 4.21 -8.83
CA GLU A 103 0.95 5.33 -9.23
C GLU A 103 0.96 5.50 -10.74
N GLY A 104 0.57 6.69 -11.18
CA GLY A 104 0.71 7.04 -12.58
C GLY A 104 -0.13 6.21 -13.54
N SER A 105 0.25 6.28 -14.81
CA SER A 105 -0.54 5.71 -15.88
C SER A 105 -0.65 4.19 -15.79
N ASP A 106 0.49 3.53 -15.60
CA ASP A 106 0.48 2.07 -15.53
C ASP A 106 -0.20 1.57 -14.26
N GLY A 107 -0.22 2.38 -13.21
CA GLY A 107 -0.94 2.02 -12.00
C GLY A 107 -2.43 2.25 -12.14
N GLY A 108 -2.81 3.09 -13.10
CA GLY A 108 -4.20 3.42 -13.31
C GLY A 108 -4.67 4.57 -12.46
N GLN A 109 -3.72 5.36 -11.93
CA GLN A 109 -4.08 6.49 -11.08
C GLN A 109 -4.98 7.52 -11.80
N SER A 110 -6.13 7.85 -11.21
CA SER A 110 -7.03 8.81 -11.88
C SER A 110 -7.27 10.09 -11.09
N VAL A 111 -6.87 10.10 -9.82
CA VAL A 111 -6.93 11.28 -8.97
C VAL A 111 -5.52 11.51 -8.44
N TYR A 112 -4.96 12.69 -8.73
CA TYR A 112 -3.58 12.92 -8.34
C TYR A 112 -3.50 13.60 -6.98
N HIS A 113 -3.96 12.83 -6.01
CA HIS A 113 -3.81 13.07 -4.59
C HIS A 113 -3.59 11.67 -4.03
N VAL A 114 -2.48 11.46 -3.33
CA VAL A 114 -2.12 10.12 -2.85
C VAL A 114 -3.27 9.46 -2.12
N ASN A 115 -3.58 8.20 -2.43
CA ASN A 115 -4.65 7.51 -1.75
C ASN A 115 -4.36 6.03 -1.60
N LEU A 116 -4.72 5.49 -0.44
CA LEU A 116 -4.56 4.07 -0.16
C LEU A 116 -5.93 3.40 -0.26
N HIS A 117 -6.07 2.45 -1.18
CA HIS A 117 -7.29 1.65 -1.28
C HIS A 117 -7.26 0.53 -0.26
N VAL A 118 -8.40 0.26 0.39
CA VAL A 118 -8.52 -0.93 1.22
C VAL A 118 -9.77 -1.68 0.76
N LEU A 119 -9.59 -2.92 0.32
CA LEU A 119 -10.66 -3.73 -0.26
C LEU A 119 -10.80 -5.04 0.50
N GLY A 120 -12.04 -5.41 0.82
CA GLY A 120 -12.26 -6.67 1.52
C GLY A 120 -13.69 -7.13 1.38
N GLY A 121 -14.00 -8.22 2.06
CA GLY A 121 -15.35 -8.76 2.08
C GLY A 121 -15.60 -9.80 1.01
N ARG A 122 -14.56 -10.09 0.22
CA ARG A 122 -14.58 -11.22 -0.72
C ARG A 122 -13.15 -11.73 -0.86
N GLN A 123 -12.99 -12.91 -1.45
CA GLN A 123 -11.66 -13.39 -1.80
C GLN A 123 -11.04 -12.50 -2.86
N MET A 124 -9.87 -11.93 -2.55
CA MET A 124 -9.12 -11.21 -3.56
C MET A 124 -8.23 -12.18 -4.34
N HIS A 125 -8.04 -11.90 -5.63
CA HIS A 125 -7.33 -12.80 -6.52
C HIS A 125 -5.91 -12.33 -6.83
N TRP A 126 -5.14 -13.23 -7.44
CA TRP A 126 -3.77 -12.93 -7.83
C TRP A 126 -3.66 -13.22 -9.31
N PRO A 127 -2.97 -12.36 -10.07
CA PRO A 127 -2.28 -11.11 -9.71
C PRO A 127 -3.26 -9.99 -9.32
N PRO A 128 -2.75 -8.95 -8.65
CA PRO A 128 -3.61 -7.85 -8.21
C PRO A 128 -3.84 -6.83 -9.33
N GLY A 129 -4.46 -7.30 -10.41
CA GLY A 129 -4.59 -6.49 -11.61
C GLY A 129 -3.42 -6.73 -12.53
N GLY B 18 6.19 -17.36 14.13
CA GLY B 18 6.98 -18.38 13.45
C GLY B 18 7.83 -17.82 12.32
N ASP B 19 8.99 -18.44 12.10
CA ASP B 19 9.92 -18.03 11.05
C ASP B 19 9.30 -18.31 9.69
N THR B 20 9.69 -17.52 8.69
CA THR B 20 9.21 -17.69 7.33
C THR B 20 10.37 -17.67 6.36
N ILE B 21 10.06 -17.95 5.11
CA ILE B 21 11.06 -17.91 4.06
C ILE B 21 11.65 -16.49 3.91
N PHE B 22 10.86 -15.46 4.23
CA PHE B 22 11.41 -14.09 4.16
C PHE B 22 12.43 -13.85 5.27
N GLY B 23 12.25 -14.50 6.43
CA GLY B 23 13.27 -14.44 7.47
C GLY B 23 14.58 -15.06 6.99
N LYS B 24 14.48 -16.16 6.26
CA LYS B 24 15.68 -16.80 5.70
C LYS B 24 16.36 -15.90 4.69
N ILE B 25 15.56 -15.17 3.93
CA ILE B 25 16.12 -14.29 2.91
C ILE B 25 16.87 -13.13 3.58
N ILE B 26 16.27 -12.58 4.64
CA ILE B 26 16.93 -11.49 5.40
C ILE B 26 18.26 -11.98 6.01
N ARG B 27 18.27 -13.21 6.49
CA ARG B 27 19.45 -13.76 7.14
C ARG B 27 20.49 -14.27 6.14
N LYS B 28 20.16 -14.19 4.85
CA LYS B 28 21.01 -14.56 3.71
C LYS B 28 21.23 -16.08 3.67
N GLU B 29 20.30 -16.81 4.28
CA GLU B 29 20.38 -18.26 4.29
C GLU B 29 19.93 -18.87 2.98
N ILE B 30 19.08 -18.15 2.25
CA ILE B 30 18.75 -18.58 0.90
C ILE B 30 18.85 -17.39 -0.05
N PRO B 31 19.14 -17.64 -1.32
CA PRO B 31 19.40 -16.50 -2.19
C PRO B 31 18.13 -15.80 -2.67
N ALA B 32 18.32 -14.52 -2.96
CA ALA B 32 17.31 -13.67 -3.58
C ALA B 32 18.06 -12.63 -4.38
N LYS B 33 17.42 -12.07 -5.41
CA LYS B 33 18.04 -10.98 -6.16
C LYS B 33 17.73 -9.67 -5.46
N ILE B 34 18.68 -9.21 -4.65
CA ILE B 34 18.49 -8.06 -3.80
C ILE B 34 18.68 -6.76 -4.56
N ILE B 35 17.73 -5.84 -4.38
CA ILE B 35 17.71 -4.56 -5.05
C ILE B 35 18.25 -3.46 -4.15
N PHE B 36 17.87 -3.51 -2.88
CA PHE B 36 18.29 -2.50 -1.93
C PHE B 36 18.26 -3.07 -0.51
N GLU B 37 19.14 -2.59 0.35
CA GLU B 37 19.11 -3.01 1.74
C GLU B 37 19.52 -1.85 2.62
N ASP B 38 18.92 -1.72 3.79
CA ASP B 38 19.51 -0.86 4.80
C ASP B 38 19.42 -1.56 6.14
N ASP B 39 19.48 -0.81 7.24
CA ASP B 39 19.50 -1.45 8.55
C ASP B 39 18.12 -1.96 8.97
N ARG B 40 17.07 -1.57 8.26
CA ARG B 40 15.73 -1.88 8.75
C ARG B 40 14.80 -2.47 7.69
N CYS B 41 15.27 -2.63 6.47
CA CYS B 41 14.43 -3.24 5.44
C CYS B 41 15.27 -3.83 4.32
N LEU B 42 14.59 -4.58 3.46
CA LEU B 42 15.23 -5.26 2.35
C LEU B 42 14.29 -5.26 1.15
N ALA B 43 14.80 -4.95 -0.03
CA ALA B 43 14.00 -5.03 -1.25
C ALA B 43 14.62 -6.05 -2.18
N PHE B 44 13.78 -6.90 -2.76
CA PHE B 44 14.28 -7.97 -3.61
C PHE B 44 13.22 -8.41 -4.61
N HIS B 45 13.67 -8.91 -5.76
CA HIS B 45 12.74 -9.34 -6.80
C HIS B 45 11.91 -10.53 -6.36
N ASP B 46 10.63 -10.53 -6.71
CA ASP B 46 9.76 -11.64 -6.34
C ASP B 46 10.11 -12.89 -7.15
N ILE B 47 10.08 -14.04 -6.50
CA ILE B 47 10.45 -15.28 -7.19
C ILE B 47 9.38 -15.75 -8.18
N SER B 48 8.16 -15.23 -8.03
CA SER B 48 7.07 -15.57 -8.95
CA SER B 48 7.08 -15.57 -8.95
C SER B 48 6.44 -14.30 -9.49
N PRO B 49 7.15 -13.58 -10.38
CA PRO B 49 6.76 -12.24 -10.81
C PRO B 49 5.46 -12.20 -11.63
N GLN B 50 4.63 -11.20 -11.34
CA GLN B 50 3.31 -11.07 -11.99
C GLN B 50 3.27 -9.89 -12.95
N ALA B 51 4.43 -9.27 -13.12
CA ALA B 51 4.61 -8.14 -14.02
C ALA B 51 6.07 -8.17 -14.46
N PRO B 52 6.42 -7.45 -15.53
CA PRO B 52 7.83 -7.44 -15.97
C PRO B 52 8.79 -6.98 -14.87
N THR B 53 8.33 -6.06 -14.02
CA THR B 53 9.04 -5.73 -12.78
C THR B 53 8.11 -6.03 -11.62
N HIS B 54 8.56 -6.86 -10.69
CA HIS B 54 7.75 -7.20 -9.53
C HIS B 54 8.72 -7.49 -8.38
N PHE B 55 8.79 -6.59 -7.41
CA PHE B 55 9.65 -6.81 -6.27
C PHE B 55 8.90 -6.59 -4.96
N LEU B 56 9.54 -6.97 -3.87
CA LEU B 56 8.99 -6.87 -2.53
C LEU B 56 9.88 -5.97 -1.69
N VAL B 57 9.28 -5.25 -0.76
CA VAL B 57 10.04 -4.51 0.25
C VAL B 57 9.53 -5.00 1.59
N ILE B 58 10.44 -5.51 2.43
CA ILE B 58 10.02 -6.07 3.72
C ILE B 58 10.82 -5.46 4.87
N PRO B 59 10.20 -5.34 6.04
CA PRO B 59 10.96 -4.87 7.21
C PRO B 59 11.82 -6.00 7.74
N LYS B 60 12.94 -5.67 8.36
CA LYS B 60 13.72 -6.70 9.01
C LYS B 60 13.06 -7.13 10.31
N LYS B 61 12.32 -6.23 10.93
CA LYS B 61 11.50 -6.57 12.10
C LYS B 61 10.39 -7.53 11.68
N HIS B 62 10.22 -8.62 12.40
CA HIS B 62 9.19 -9.57 12.00
C HIS B 62 7.83 -9.12 12.50
N ILE B 63 7.12 -8.42 11.63
CA ILE B 63 5.72 -8.14 11.80
C ILE B 63 5.02 -9.14 10.91
N SER B 64 4.16 -9.98 11.47
CA SER B 64 3.58 -11.08 10.70
C SER B 64 2.55 -10.61 9.66
N GLN B 65 1.83 -9.56 9.98
CA GLN B 65 0.81 -9.06 9.06
C GLN B 65 0.44 -7.65 9.44
N ILE B 66 -0.08 -6.89 8.48
CA ILE B 66 -0.32 -5.48 8.72
C ILE B 66 -1.36 -5.29 9.82
N SER B 67 -2.25 -6.27 10.01
CA SER B 67 -3.28 -6.12 11.03
C SER B 67 -2.73 -6.10 12.47
N VAL B 68 -1.49 -6.57 12.67
CA VAL B 68 -0.93 -6.57 14.02
C VAL B 68 0.18 -5.54 14.16
N ALA B 69 0.37 -4.69 13.16
CA ALA B 69 1.35 -3.61 13.27
C ALA B 69 0.94 -2.62 14.37
N GLU B 70 1.92 -2.13 15.12
CA GLU B 70 1.66 -1.18 16.19
C GLU B 70 1.82 0.25 15.72
N ASP B 71 1.28 1.20 16.47
CA ASP B 71 1.41 2.61 16.13
C ASP B 71 2.88 3.04 16.01
N ASP B 72 3.73 2.45 16.85
CA ASP B 72 5.15 2.77 16.82
C ASP B 72 5.83 2.30 15.53
N ASP B 73 5.13 1.46 14.77
CA ASP B 73 5.62 0.95 13.48
C ASP B 73 5.38 1.90 12.32
N GLU B 74 4.73 3.03 12.57
CA GLU B 74 4.29 3.92 11.51
C GLU B 74 5.41 4.36 10.58
N SER B 75 6.49 4.84 11.18
CA SER B 75 7.63 5.32 10.43
C SER B 75 8.24 4.22 9.58
N LEU B 76 8.36 3.03 10.18
CA LEU B 76 8.90 1.87 9.47
C LEU B 76 8.05 1.49 8.25
N LEU B 77 6.72 1.47 8.42
CA LEU B 77 5.85 1.13 7.29
C LEU B 77 5.98 2.17 6.17
N GLY B 78 6.02 3.43 6.55
CA GLY B 78 6.23 4.48 5.58
C GLY B 78 7.57 4.37 4.88
N HIS B 79 8.59 3.93 5.62
CA HIS B 79 9.91 3.71 5.05
C HIS B 79 9.87 2.66 3.94
N LEU B 80 9.07 1.61 4.12
CA LEU B 80 8.91 0.59 3.09
C LEU B 80 8.38 1.20 1.79
N MET B 81 7.42 2.12 1.93
CA MET B 81 6.84 2.77 0.76
C MET B 81 7.80 3.72 0.07
N ILE B 82 8.54 4.50 0.87
CA ILE B 82 9.55 5.38 0.31
C ILE B 82 10.68 4.60 -0.38
N VAL B 83 11.20 3.55 0.27
CA VAL B 83 12.16 2.66 -0.39
C VAL B 83 11.54 2.06 -1.65
N GLY B 84 10.29 1.63 -1.56
CA GLY B 84 9.57 1.10 -2.71
C GLY B 84 9.55 2.06 -3.90
N LYS B 85 9.20 3.31 -3.66
CA LYS B 85 9.09 4.23 -4.79
C LYS B 85 10.48 4.61 -5.32
N LYS B 86 11.49 4.66 -4.45
CA LYS B 86 12.84 4.96 -4.92
C LYS B 86 13.41 3.82 -5.75
N CYS B 87 13.16 2.58 -5.32
CA CYS B 87 13.58 1.41 -6.10
C CYS B 87 12.87 1.37 -7.45
N ALA B 88 11.58 1.69 -7.44
CA ALA B 88 10.80 1.72 -8.68
C ALA B 88 11.40 2.70 -9.69
N ALA B 89 11.79 3.88 -9.22
CA ALA B 89 12.43 4.85 -10.11
C ALA B 89 13.77 4.34 -10.62
N ASP B 90 14.55 3.71 -9.73
CA ASP B 90 15.85 3.16 -10.10
C ASP B 90 15.73 2.02 -11.11
N LEU B 91 14.60 1.31 -11.08
CA LEU B 91 14.40 0.18 -12.00
C LEU B 91 13.71 0.65 -13.28
N GLY B 92 13.54 1.96 -13.40
CA GLY B 92 13.04 2.58 -14.62
C GLY B 92 11.54 2.55 -14.84
N LEU B 93 10.77 2.46 -13.77
CA LEU B 93 9.31 2.43 -13.89
C LEU B 93 8.73 3.83 -14.01
N ASN B 94 9.05 4.54 -15.08
CA ASN B 94 8.64 5.93 -15.21
C ASN B 94 7.20 6.10 -15.70
N LYS B 95 6.56 5.02 -16.13
CA LYS B 95 5.15 5.10 -16.54
C LYS B 95 4.21 4.74 -15.40
N GLY B 96 4.78 4.40 -14.25
CA GLY B 96 3.98 4.12 -13.07
C GLY B 96 4.05 2.69 -12.59
N TYR B 97 3.27 2.37 -11.57
CA TYR B 97 3.34 1.06 -10.92
C TYR B 97 2.22 0.93 -9.89
N ARG B 98 2.10 -0.26 -9.32
CA ARG B 98 1.11 -0.47 -8.26
C ARG B 98 1.79 -1.06 -7.04
N MET B 99 1.42 -0.54 -5.87
CA MET B 99 1.91 -1.07 -4.60
C MET B 99 0.81 -1.85 -3.93
N VAL B 100 1.13 -3.01 -3.35
CA VAL B 100 0.11 -3.86 -2.76
C VAL B 100 0.58 -4.43 -1.43
N VAL B 101 -0.27 -4.37 -0.41
CA VAL B 101 -0.09 -5.14 0.82
C VAL B 101 -1.28 -6.08 1.00
N ASN B 102 -1.01 -7.37 1.18
CA ASN B 102 -2.07 -8.35 1.40
C ASN B 102 -2.20 -8.71 2.87
N GLU B 103 -3.44 -8.80 3.34
CA GLU B 103 -3.69 -9.24 4.71
C GLU B 103 -4.63 -10.47 4.75
N GLY B 104 -4.15 -11.52 5.38
CA GLY B 104 -4.99 -12.67 5.66
C GLY B 104 -5.46 -13.46 4.46
N SER B 105 -6.45 -14.32 4.70
CA SER B 105 -6.94 -15.26 3.68
CA SER B 105 -6.91 -15.25 3.67
C SER B 105 -7.63 -14.53 2.52
N ASP B 106 -8.54 -13.63 2.85
CA ASP B 106 -9.24 -12.89 1.81
C ASP B 106 -8.28 -11.99 1.04
N GLY B 107 -7.24 -11.49 1.70
CA GLY B 107 -6.30 -10.61 1.03
C GLY B 107 -5.31 -11.37 0.17
N GLY B 108 -5.33 -12.70 0.29
CA GLY B 108 -4.41 -13.52 -0.47
C GLY B 108 -2.96 -13.44 0.00
N GLN B 109 -2.76 -13.12 1.28
CA GLN B 109 -1.41 -13.05 1.84
C GLN B 109 -0.74 -14.42 1.77
N SER B 110 0.45 -14.46 1.17
CA SER B 110 1.10 -15.75 0.92
C SER B 110 2.23 -16.07 1.90
N VAL B 111 2.76 -15.04 2.56
CA VAL B 111 3.82 -15.21 3.57
C VAL B 111 3.47 -14.33 4.75
N TYR B 112 3.52 -14.88 5.96
CA TYR B 112 3.15 -14.11 7.14
C TYR B 112 4.35 -13.35 7.70
N HIS B 113 4.83 -12.47 6.85
CA HIS B 113 5.84 -11.47 7.16
C HIS B 113 5.43 -10.28 6.32
N VAL B 114 5.17 -9.13 6.94
CA VAL B 114 4.68 -7.97 6.19
C VAL B 114 5.56 -7.70 4.98
N ASN B 115 4.91 -7.60 3.81
CA ASN B 115 5.66 -7.35 2.59
C ASN B 115 4.87 -6.46 1.65
N LEU B 116 5.55 -5.43 1.14
CA LEU B 116 4.99 -4.51 0.17
C LEU B 116 5.38 -4.94 -1.25
N HIS B 117 4.39 -5.31 -2.06
CA HIS B 117 4.63 -5.63 -3.47
C HIS B 117 4.72 -4.35 -4.30
N VAL B 118 5.63 -4.31 -5.26
CA VAL B 118 5.63 -3.21 -6.24
C VAL B 118 5.67 -3.84 -7.62
N LEU B 119 4.66 -3.53 -8.43
CA LEU B 119 4.52 -4.14 -9.76
C LEU B 119 4.44 -3.08 -10.84
N GLY B 120 5.17 -3.29 -11.93
CA GLY B 120 5.12 -2.35 -13.04
C GLY B 120 5.71 -2.92 -14.30
N GLY B 121 5.83 -2.07 -15.33
CA GLY B 121 6.34 -2.53 -16.60
C GLY B 121 5.25 -3.02 -17.53
N ARG B 122 4.01 -2.94 -17.06
CA ARG B 122 2.84 -3.26 -17.88
C ARG B 122 1.68 -2.47 -17.34
N GLN B 123 0.61 -2.36 -18.10
CA GLN B 123 -0.60 -1.75 -17.58
C GLN B 123 -1.19 -2.64 -16.48
N MET B 124 -1.42 -2.04 -15.31
CA MET B 124 -2.10 -2.74 -14.22
C MET B 124 -3.60 -2.51 -14.38
N HIS B 125 -4.40 -3.52 -14.05
CA HIS B 125 -5.82 -3.47 -14.37
C HIS B 125 -6.71 -3.25 -13.15
N TRP B 126 -8.00 -3.14 -13.38
CA TRP B 126 -8.95 -2.88 -12.31
C TRP B 126 -10.13 -3.82 -12.52
N PRO B 127 -10.62 -4.47 -11.46
CA PRO B 127 -10.21 -4.39 -10.04
C PRO B 127 -8.81 -4.98 -9.80
N PRO B 128 -8.19 -4.63 -8.65
CA PRO B 128 -6.83 -5.13 -8.38
C PRO B 128 -6.88 -6.52 -7.74
N GLY B 129 -7.39 -7.49 -8.49
CA GLY B 129 -7.65 -8.80 -7.93
C GLY B 129 -9.08 -8.85 -7.45
O3 6UT C . -6.22 5.03 -8.04
N3 6UT C . -14.73 8.41 -4.31
O2 6UT C . -7.64 6.74 -9.42
C2 6UT C . -15.66 9.10 -3.62
C1 6UT C . -8.69 4.06 -10.58
N2 6UT C . -16.09 8.60 -2.42
C5 6UT C . -14.80 10.13 -6.04
N1 6UT C . -16.19 10.26 -4.07
C4 6UT C . -14.28 8.87 -5.50
N4 6UT C . -8.61 4.33 -9.15
C3 6UT C . -9.01 2.59 -10.73
O19 6UT C . -10.84 5.05 -10.70
C17 6UT C . -9.78 4.82 -11.27
N18 6UT C . -9.55 5.21 -12.52
C7 6UT C . -9.16 2.15 -12.17
C12 6UT C . -10.27 2.27 -13.02
N11 6UT C . -9.99 1.73 -14.24
C10 6UT C . -8.72 1.23 -14.29
C16 6UT C . -7.95 0.58 -15.24
C15 6UT C . -6.66 0.20 -14.92
C14 6UT C . -6.11 0.43 -13.65
C13 6UT C . -6.83 1.08 -12.66
C9 6UT C . -8.13 1.47 -12.96
P1 6UT C . -7.57 5.56 -8.48
O5' 6UT C . -8.29 5.94 -7.09
C5' 6UT C . -9.26 6.98 -7.03
C4' 6UT C . -10.51 6.42 -6.41
O4' 6UT C . -11.31 7.54 -6.03
C3' 6UT C . -11.35 5.60 -7.40
O3' 6UT C . -11.48 4.23 -6.96
C2' 6UT C . -12.69 6.32 -7.46
O2' 6UT C . -13.83 5.45 -7.50
C1' 6UT C . -12.66 7.19 -6.21
N9 6UT C . -13.41 8.43 -6.39
C8 6UT C . -13.32 9.30 -7.41
N7 6UT C . -14.17 10.35 -7.21
C6 6UT C . -15.81 10.83 -5.24
O6 6UT C . -16.33 11.99 -5.69
C11 6UT C . -10.61 5.73 -13.35
CL CL D . 1.64 -11.51 0.47
#